data_4V1I
#
_entry.id   4V1I
#
_cell.length_a   132.100
_cell.length_b   132.100
_cell.length_c   104.170
_cell.angle_alpha   90.00
_cell.angle_beta   90.00
_cell.angle_gamma   120.00
#
_symmetry.space_group_name_H-M   'H 3 2'
#
loop_
_entity.id
_entity.type
_entity.pdbx_description
1 polymer 'CARBOHYDRATE BINDING MODULE'
2 water water
#
_entity_poly.entity_id   1
_entity_poly.type   'polypeptide(L)'
_entity_poly.pdbx_seq_one_letter_code
;MGLAPLADGEKLYGKKGSEGTVTFTKAIGDNAFVEIKTGADTGFMNGCLGFSESIDGKNYWVAYVWQTKKSDTISIDMSS
PVQIAEIIGTETQEVTDADTIKKLTDKIKTEKSALLQVWYASDKTGKQIDPADSASESIEVYIPSASADEALEHHHHHH
;
_entity_poly.pdbx_strand_id   A,B
#
# COMPACT_ATOMS: atom_id res chain seq x y z
N GLY A 2 -13.25 3.13 -22.89
CA GLY A 2 -12.65 3.79 -21.69
C GLY A 2 -11.21 4.22 -21.91
N LEU A 3 -10.29 3.27 -21.75
CA LEU A 3 -8.81 3.43 -21.89
C LEU A 3 -8.16 4.78 -22.35
N ALA A 4 -8.82 5.53 -23.25
CA ALA A 4 -8.39 6.89 -23.60
C ALA A 4 -8.90 7.90 -22.56
N PRO A 5 -8.00 8.69 -21.95
CA PRO A 5 -8.40 9.71 -20.94
C PRO A 5 -9.51 10.67 -21.39
N LEU A 6 -10.22 11.26 -20.42
CA LEU A 6 -11.50 11.95 -20.65
C LEU A 6 -11.47 13.45 -20.40
N ALA A 7 -12.38 14.19 -21.05
CA ALA A 7 -12.54 15.65 -20.86
C ALA A 7 -13.11 16.01 -19.47
N ASP A 8 -12.75 17.21 -18.99
CA ASP A 8 -12.96 17.62 -17.59
C ASP A 8 -14.40 17.48 -17.09
N GLY A 9 -15.37 17.75 -17.94
CA GLY A 9 -16.78 17.61 -17.61
C GLY A 9 -17.27 16.18 -17.43
N GLU A 10 -16.51 15.20 -17.94
CA GLU A 10 -16.85 13.79 -17.79
C GLU A 10 -16.13 13.11 -16.60
N LYS A 11 -15.10 13.75 -16.05
CA LYS A 11 -14.31 13.15 -14.97
C LYS A 11 -14.99 13.19 -13.62
N LEU A 12 -15.12 12.04 -12.97
CA LEU A 12 -15.65 12.00 -11.61
C LEU A 12 -14.52 11.68 -10.63
N TYR A 13 -13.99 12.71 -9.98
CA TYR A 13 -12.85 12.57 -9.06
C TYR A 13 -13.18 11.88 -7.74
N GLY A 14 -12.26 11.04 -7.28
CA GLY A 14 -12.34 10.48 -5.94
C GLY A 14 -11.76 11.45 -4.92
N LYS A 15 -12.31 11.44 -3.71
CA LYS A 15 -11.81 12.27 -2.61
C LYS A 15 -10.77 11.50 -1.80
N LYS A 16 -9.67 12.16 -1.46
CA LYS A 16 -8.53 11.51 -0.81
C LYS A 16 -8.59 11.59 0.71
N GLY A 17 -8.44 10.44 1.36
CA GLY A 17 -8.48 10.36 2.82
C GLY A 17 -7.09 10.38 3.44
N SER A 18 -6.99 9.83 4.65
CA SER A 18 -5.76 9.89 5.43
C SER A 18 -4.71 8.90 4.91
N GLU A 19 -4.88 7.60 5.13
CA GLU A 19 -3.86 6.61 4.78
C GLU A 19 -3.78 6.39 3.27
N GLY A 20 -3.83 7.46 2.48
CA GLY A 20 -3.89 7.35 1.02
C GLY A 20 -5.14 6.70 0.46
N THR A 21 -6.25 6.79 1.20
CA THR A 21 -7.51 6.26 0.73
C THR A 21 -8.07 7.18 -0.36
N VAL A 22 -8.91 6.62 -1.24
CA VAL A 22 -9.63 7.42 -2.25
C VAL A 22 -11.07 6.92 -2.33
N THR A 23 -12.03 7.84 -2.21
CA THR A 23 -13.44 7.47 -2.10
C THR A 23 -14.33 8.14 -3.15
N PHE A 24 -15.19 7.35 -3.78
CA PHE A 24 -16.11 7.83 -4.82
C PHE A 24 -17.56 7.74 -4.36
N THR A 25 -18.42 8.55 -4.98
CA THR A 25 -19.84 8.59 -4.63
C THR A 25 -20.65 7.48 -5.31
N LYS A 26 -20.02 6.73 -6.20
CA LYS A 26 -20.63 5.56 -6.82
C LYS A 26 -19.60 4.45 -6.93
N ALA A 27 -20.05 3.28 -7.36
CA ALA A 27 -19.15 2.15 -7.59
C ALA A 27 -18.17 2.45 -8.73
N ILE A 28 -16.99 1.84 -8.66
CA ILE A 28 -15.90 2.21 -9.55
C ILE A 28 -16.10 1.73 -10.99
N GLY A 29 -16.54 0.48 -11.14
CA GLY A 29 -16.81 -0.07 -12.47
C GLY A 29 -15.56 -0.58 -13.17
N ASP A 30 -15.59 -0.55 -14.50
CA ASP A 30 -14.57 -1.21 -15.31
C ASP A 30 -13.26 -0.45 -15.45
N ASN A 31 -13.29 0.86 -15.20
CA ASN A 31 -12.14 1.72 -15.55
C ASN A 31 -11.86 2.84 -14.56
N ALA A 32 -10.60 2.93 -14.15
CA ALA A 32 -10.10 4.02 -13.31
C ALA A 32 -8.97 4.73 -14.05
N PHE A 33 -8.78 6.01 -13.73
CA PHE A 33 -7.73 6.82 -14.35
C PHE A 33 -6.88 7.51 -13.29
N VAL A 34 -5.57 7.29 -13.35
CA VAL A 34 -4.62 7.90 -12.41
C VAL A 34 -3.89 9.07 -13.08
N GLU A 35 -4.18 10.28 -12.60
CA GLU A 35 -3.61 11.53 -13.11
C GLU A 35 -2.39 11.99 -12.31
N ILE A 36 -1.23 12.06 -12.96
CA ILE A 36 0.02 12.35 -12.28
C ILE A 36 0.74 13.56 -12.87
N LYS A 37 1.06 14.53 -12.03
CA LYS A 37 1.97 15.58 -12.41
C LYS A 37 3.31 15.37 -11.70
N THR A 38 4.33 14.98 -12.48
CA THR A 38 5.66 14.70 -11.95
C THR A 38 6.43 15.94 -11.55
N GLY A 39 7.45 15.75 -10.72
CA GLY A 39 8.38 16.80 -10.30
C GLY A 39 9.37 17.02 -11.42
N ALA A 40 10.00 18.19 -11.43
CA ALA A 40 10.86 18.60 -12.54
C ALA A 40 12.10 17.71 -12.73
N ASP A 41 12.64 17.17 -11.64
CA ASP A 41 13.80 16.30 -11.71
C ASP A 41 13.45 14.80 -11.64
N THR A 42 12.17 14.46 -11.72
CA THR A 42 11.74 13.07 -11.64
C THR A 42 11.81 12.40 -13.00
N GLY A 43 12.50 11.26 -13.07
CA GLY A 43 12.64 10.48 -14.28
C GLY A 43 11.77 9.25 -14.37
N PHE A 44 11.37 8.70 -13.21
CA PHE A 44 10.54 7.49 -13.17
C PHE A 44 9.71 7.43 -11.87
N MET A 45 8.47 6.97 -12.00
CA MET A 45 7.58 6.72 -10.86
C MET A 45 6.76 5.47 -11.10
N ASN A 46 6.40 4.77 -10.02
CA ASN A 46 5.43 3.69 -10.07
C ASN A 46 4.73 3.48 -8.73
N GLY A 47 3.71 2.65 -8.74
CA GLY A 47 2.83 2.47 -7.59
C GLY A 47 1.65 1.60 -7.98
N CYS A 48 0.53 1.71 -7.27
CA CYS A 48 -0.62 0.87 -7.53
C CYS A 48 -1.95 1.40 -6.98
N LEU A 49 -3.02 0.67 -7.31
CA LEU A 49 -4.33 0.81 -6.67
C LEU A 49 -4.67 -0.50 -5.98
N GLY A 50 -4.95 -0.43 -4.67
CA GLY A 50 -5.04 -1.62 -3.83
C GLY A 50 -6.44 -1.89 -3.30
N PHE A 51 -6.78 -3.17 -3.18
CA PHE A 51 -8.08 -3.60 -2.70
C PHE A 51 -7.95 -4.87 -1.87
N SER A 52 -8.82 -5.02 -0.87
CA SER A 52 -8.96 -6.29 -0.17
C SER A 52 -10.40 -6.78 -0.25
N GLU A 53 -10.57 -8.08 -0.46
CA GLU A 53 -11.89 -8.73 -0.49
C GLU A 53 -11.84 -10.03 0.33
N SER A 54 -13.01 -10.52 0.72
CA SER A 54 -13.12 -11.78 1.43
C SER A 54 -14.12 -12.71 0.74
N ILE A 55 -13.74 -13.99 0.61
CA ILE A 55 -14.58 -15.00 -0.03
C ILE A 55 -14.63 -16.24 0.87
N ASP A 56 -15.80 -16.48 1.46
CA ASP A 56 -16.02 -17.52 2.48
C ASP A 56 -14.79 -17.88 3.30
N GLY A 57 -14.48 -17.05 4.28
CA GLY A 57 -13.41 -17.33 5.23
C GLY A 57 -12.04 -16.83 4.80
N LYS A 58 -11.79 -16.73 3.50
CA LYS A 58 -10.47 -16.40 2.98
C LYS A 58 -10.35 -14.94 2.57
N ASN A 59 -9.25 -14.32 2.99
CA ASN A 59 -8.99 -12.89 2.74
C ASN A 59 -7.87 -12.70 1.75
N TYR A 60 -8.08 -11.79 0.80
CA TYR A 60 -7.16 -11.58 -0.31
C TYR A 60 -6.76 -10.12 -0.41
N TRP A 61 -5.58 -9.87 -1.00
CA TRP A 61 -5.14 -8.52 -1.28
C TRP A 61 -4.76 -8.46 -2.76
N VAL A 62 -5.20 -7.38 -3.43
CA VAL A 62 -5.14 -7.28 -4.90
C VAL A 62 -4.63 -5.91 -5.36
N ALA A 63 -3.60 -5.92 -6.21
CA ALA A 63 -2.97 -4.68 -6.67
C ALA A 63 -2.99 -4.56 -8.21
N TYR A 64 -3.34 -3.37 -8.68
CA TYR A 64 -3.21 -3.01 -10.09
C TYR A 64 -2.07 -1.98 -10.18
N VAL A 65 -1.03 -2.30 -10.96
CA VAL A 65 0.21 -1.52 -10.98
C VAL A 65 0.24 -0.50 -12.15
N TRP A 66 0.82 0.67 -11.86
CA TRP A 66 1.03 1.72 -12.86
C TRP A 66 2.46 2.28 -12.79
N GLN A 67 2.88 2.94 -13.86
CA GLN A 67 4.21 3.55 -13.95
C GLN A 67 4.20 4.68 -14.97
N THR A 68 5.22 5.54 -14.93
CA THR A 68 5.34 6.65 -15.87
C THR A 68 6.72 7.30 -15.76
N LYS A 69 7.10 8.01 -16.81
CA LYS A 69 8.31 8.83 -16.83
C LYS A 69 8.02 10.32 -17.05
N LYS A 70 6.75 10.68 -17.27
CA LYS A 70 6.34 12.07 -17.50
C LYS A 70 4.98 12.32 -16.86
N SER A 71 4.56 13.58 -16.80
CA SER A 71 3.19 13.89 -16.38
C SER A 71 2.19 13.30 -17.37
N ASP A 72 1.20 12.57 -16.87
CA ASP A 72 0.30 11.78 -17.72
C ASP A 72 -0.92 11.29 -16.95
N THR A 73 -1.90 10.75 -17.69
CA THR A 73 -3.04 10.04 -17.10
C THR A 73 -2.95 8.58 -17.53
N ILE A 74 -2.88 7.68 -16.55
CA ILE A 74 -2.81 6.24 -16.81
C ILE A 74 -4.19 5.67 -16.63
N SER A 75 -4.67 4.96 -17.65
CA SER A 75 -5.97 4.29 -17.57
C SER A 75 -5.76 2.86 -17.10
N ILE A 76 -6.56 2.44 -16.12
CA ILE A 76 -6.37 1.14 -15.48
C ILE A 76 -7.61 0.27 -15.64
N ASP A 77 -7.41 -0.90 -16.24
CA ASP A 77 -8.49 -1.84 -16.51
C ASP A 77 -8.76 -2.67 -15.25
N MET A 78 -9.93 -2.49 -14.66
CA MET A 78 -10.29 -3.13 -13.38
C MET A 78 -10.46 -4.64 -13.50
N SER A 79 -10.47 -5.15 -14.72
CA SER A 79 -10.55 -6.58 -14.97
C SER A 79 -9.16 -7.24 -15.00
N SER A 80 -8.10 -6.44 -14.98
CA SER A 80 -6.75 -6.92 -15.23
C SER A 80 -5.78 -6.60 -14.08
N PRO A 81 -6.02 -7.16 -12.87
CA PRO A 81 -5.08 -6.97 -11.76
C PRO A 81 -3.81 -7.78 -11.99
N VAL A 82 -2.68 -7.33 -11.41
CA VAL A 82 -1.40 -7.99 -11.68
C VAL A 82 -0.75 -8.70 -10.48
N GLN A 83 -1.22 -8.42 -9.27
CA GLN A 83 -0.73 -9.09 -8.08
C GLN A 83 -1.88 -9.44 -7.17
N ILE A 84 -2.02 -10.74 -6.87
CA ILE A 84 -3.09 -11.25 -6.02
C ILE A 84 -2.51 -12.23 -5.02
N ALA A 85 -2.88 -12.10 -3.75
CA ALA A 85 -2.36 -12.96 -2.70
C ALA A 85 -3.39 -13.20 -1.60
N GLU A 86 -3.44 -14.44 -1.11
CA GLU A 86 -4.28 -14.75 0.04
C GLU A 86 -3.48 -14.48 1.30
N ILE A 87 -4.10 -13.79 2.24
CA ILE A 87 -3.45 -13.38 3.47
C ILE A 87 -3.81 -14.36 4.57
N ILE A 88 -2.88 -15.27 4.87
CA ILE A 88 -3.07 -16.31 5.87
C ILE A 88 -2.20 -15.97 7.08
N GLY A 89 -2.85 -15.54 8.16
CA GLY A 89 -2.12 -15.00 9.31
C GLY A 89 -1.27 -13.83 8.87
N THR A 90 -0.01 -13.83 9.29
CA THR A 90 0.95 -12.81 8.87
C THR A 90 1.84 -13.30 7.72
N GLU A 91 1.33 -14.22 6.89
CA GLU A 91 2.04 -14.71 5.72
C GLU A 91 1.16 -14.58 4.47
N THR A 92 1.80 -14.67 3.30
CA THR A 92 1.09 -14.53 2.04
C THR A 92 1.30 -15.70 1.12
N GLN A 93 0.42 -15.84 0.14
CA GLN A 93 0.66 -16.75 -0.96
C GLN A 93 -0.11 -16.37 -2.23
N GLU A 94 0.55 -16.62 -3.35
CA GLU A 94 0.09 -16.21 -4.67
C GLU A 94 -1.19 -16.92 -5.10
N VAL A 95 -2.01 -16.21 -5.88
CA VAL A 95 -3.22 -16.78 -6.45
C VAL A 95 -3.14 -16.71 -7.98
N THR A 96 -3.13 -17.87 -8.61
CA THR A 96 -3.16 -17.99 -10.07
C THR A 96 -4.47 -18.60 -10.57
N ASP A 97 -5.36 -18.99 -9.66
CA ASP A 97 -6.61 -19.62 -10.05
C ASP A 97 -7.53 -18.61 -10.75
N ALA A 98 -7.76 -18.82 -12.04
CA ALA A 98 -8.52 -17.87 -12.88
C ALA A 98 -9.96 -17.68 -12.43
N ASP A 99 -10.54 -18.71 -11.83
CA ASP A 99 -11.90 -18.62 -11.30
C ASP A 99 -11.97 -17.78 -10.02
N THR A 100 -10.96 -17.89 -9.16
CA THR A 100 -10.88 -17.10 -7.93
C THR A 100 -10.60 -15.64 -8.27
N ILE A 101 -9.72 -15.43 -9.24
CA ILE A 101 -9.36 -14.09 -9.70
C ILE A 101 -10.57 -13.33 -10.27
N LYS A 102 -11.37 -14.00 -11.09
CA LYS A 102 -12.57 -13.35 -11.63
C LYS A 102 -13.58 -12.97 -10.54
N LYS A 103 -13.78 -13.87 -9.59
CA LYS A 103 -14.70 -13.60 -8.48
C LYS A 103 -14.28 -12.33 -7.74
N LEU A 104 -12.97 -12.16 -7.55
CA LEU A 104 -12.42 -10.97 -6.89
C LEU A 104 -12.62 -9.69 -7.71
N THR A 105 -12.44 -9.76 -9.03
CA THR A 105 -12.61 -8.58 -9.89
C THR A 105 -14.05 -8.09 -9.90
N ASP A 106 -15.00 -9.03 -9.91
CA ASP A 106 -16.42 -8.68 -9.84
C ASP A 106 -16.75 -7.91 -8.57
N LYS A 107 -16.23 -8.38 -7.44
CA LYS A 107 -16.49 -7.74 -6.16
C LYS A 107 -15.79 -6.37 -6.09
N ILE A 108 -14.58 -6.30 -6.64
CA ILE A 108 -13.84 -5.04 -6.72
C ILE A 108 -14.56 -3.99 -7.57
N LYS A 109 -15.23 -4.42 -8.64
CA LYS A 109 -15.96 -3.49 -9.51
C LYS A 109 -17.14 -2.82 -8.83
N THR A 110 -17.64 -3.41 -7.74
CA THR A 110 -18.73 -2.83 -6.96
C THR A 110 -18.26 -1.94 -5.80
N GLU A 111 -16.95 -1.82 -5.61
CA GLU A 111 -16.39 -1.03 -4.51
C GLU A 111 -16.48 0.48 -4.79
N LYS A 112 -16.57 1.26 -3.72
CA LYS A 112 -16.58 2.71 -3.80
C LYS A 112 -15.28 3.37 -3.36
N SER A 113 -14.40 2.64 -2.67
CA SER A 113 -13.09 3.19 -2.30
C SER A 113 -11.94 2.27 -2.72
N ALA A 114 -10.75 2.86 -2.77
CA ALA A 114 -9.53 2.16 -3.17
C ALA A 114 -8.35 2.73 -2.40
N LEU A 115 -7.20 2.10 -2.58
CA LEU A 115 -5.97 2.54 -1.92
C LEU A 115 -4.96 2.96 -2.97
N LEU A 116 -4.45 4.19 -2.86
CA LEU A 116 -3.46 4.72 -3.80
C LEU A 116 -2.09 4.79 -3.15
N GLN A 117 -1.10 4.12 -3.76
CA GLN A 117 0.25 4.05 -3.23
C GLN A 117 1.30 4.35 -4.30
N VAL A 118 2.27 5.21 -3.96
CA VAL A 118 3.50 5.37 -4.73
C VAL A 118 4.55 4.48 -4.10
N TRP A 119 5.20 3.66 -4.91
CA TRP A 119 6.19 2.73 -4.41
C TRP A 119 7.61 3.23 -4.58
N TYR A 120 8.02 3.40 -5.83
CA TYR A 120 9.39 3.73 -6.17
C TYR A 120 9.44 4.92 -7.13
N ALA A 121 10.44 5.76 -6.96
CA ALA A 121 10.70 6.90 -7.84
C ALA A 121 12.19 7.15 -7.92
N SER A 122 12.63 7.77 -9.02
CA SER A 122 14.03 8.08 -9.24
C SER A 122 14.18 9.33 -10.09
N ASP A 123 15.29 10.04 -9.93
CA ASP A 123 15.51 11.29 -10.65
C ASP A 123 16.09 11.03 -12.05
N LYS A 124 16.40 12.09 -12.79
CA LYS A 124 16.89 11.97 -14.17
C LYS A 124 18.23 11.27 -14.29
N THR A 125 19.06 11.34 -13.25
CA THR A 125 20.33 10.61 -13.22
C THR A 125 20.16 9.15 -12.78
N GLY A 126 18.92 8.75 -12.52
CA GLY A 126 18.61 7.37 -12.11
C GLY A 126 18.75 7.11 -10.62
N LYS A 127 18.97 8.16 -9.84
CA LYS A 127 19.16 8.03 -8.39
C LYS A 127 17.83 8.11 -7.65
N GLN A 128 17.58 7.16 -6.76
CA GLN A 128 16.29 7.02 -6.07
C GLN A 128 15.87 8.28 -5.32
N ILE A 129 14.56 8.53 -5.31
CA ILE A 129 13.98 9.62 -4.52
C ILE A 129 13.22 9.03 -3.33
N ASP A 130 13.73 9.30 -2.13
CA ASP A 130 13.18 8.77 -0.89
C ASP A 130 12.67 9.94 -0.02
N PRO A 131 11.39 9.98 0.35
CA PRO A 131 10.38 8.99 -0.02
C PRO A 131 9.79 9.24 -1.43
N ALA A 132 9.36 8.15 -2.08
CA ALA A 132 8.88 8.17 -3.47
C ALA A 132 7.82 9.23 -3.71
N ASP A 133 6.83 9.22 -2.81
CA ASP A 133 5.76 10.21 -2.77
C ASP A 133 6.17 11.62 -3.19
N SER A 134 7.34 12.06 -2.71
CA SER A 134 7.87 13.39 -2.98
C SER A 134 8.26 13.69 -4.43
N ALA A 135 8.23 12.67 -5.30
CA ALA A 135 8.58 12.85 -6.70
C ALA A 135 7.49 13.52 -7.55
N SER A 136 6.27 13.59 -7.03
CA SER A 136 5.13 14.13 -7.76
C SER A 136 4.65 15.42 -7.14
N GLU A 137 4.09 16.30 -7.96
CA GLU A 137 3.45 17.51 -7.48
C GLU A 137 2.00 17.25 -7.09
N SER A 138 1.37 16.27 -7.74
CA SER A 138 -0.01 15.93 -7.43
C SER A 138 -0.38 14.60 -8.07
N ILE A 139 -1.28 13.87 -7.41
CA ILE A 139 -1.83 12.63 -7.95
C ILE A 139 -3.30 12.56 -7.60
N GLU A 140 -4.13 12.34 -8.62
CA GLU A 140 -5.56 12.18 -8.42
C GLU A 140 -6.04 10.93 -9.15
N VAL A 141 -7.21 10.44 -8.76
CA VAL A 141 -7.86 9.32 -9.45
C VAL A 141 -9.28 9.73 -9.83
N TYR A 142 -9.72 9.35 -11.03
CA TYR A 142 -11.10 9.57 -11.42
C TYR A 142 -11.70 8.39 -12.19
N ILE A 143 -13.02 8.36 -12.25
CA ILE A 143 -13.76 7.42 -13.06
C ILE A 143 -14.71 8.20 -13.98
N PRO A 144 -15.21 7.56 -15.04
CA PRO A 144 -16.12 8.29 -15.93
C PRO A 144 -17.48 8.59 -15.30
N SER A 145 -18.11 9.66 -15.78
CA SER A 145 -19.47 10.02 -15.39
C SER A 145 -20.43 9.01 -16.01
N ALA A 146 -21.69 9.02 -15.60
CA ALA A 146 -22.64 8.09 -16.18
C ALA A 146 -22.92 8.43 -17.63
N SER A 147 -22.91 9.71 -17.93
CA SER A 147 -23.07 10.18 -19.27
C SER A 147 -21.95 9.65 -20.14
N ALA A 148 -20.74 9.69 -19.64
CA ALA A 148 -19.61 9.23 -20.40
C ALA A 148 -19.74 7.75 -20.61
N ASP A 149 -20.44 7.11 -19.69
CA ASP A 149 -20.60 5.69 -19.74
C ASP A 149 -21.74 5.31 -20.65
N GLU A 150 -22.82 6.06 -20.57
CA GLU A 150 -23.99 5.81 -21.40
C GLU A 150 -23.56 5.63 -22.83
N ALA A 151 -22.40 6.18 -23.15
CA ALA A 151 -21.72 5.83 -24.37
C ALA A 151 -21.32 4.38 -24.13
N LEU A 152 -20.04 4.07 -24.11
CA LEU A 152 -19.63 2.72 -23.73
C LEU A 152 -18.11 2.51 -23.81
N GLY B 2 13.77 -6.53 21.78
CA GLY B 2 13.03 -5.85 20.68
C GLY B 2 11.96 -6.72 20.03
N LEU B 3 11.17 -7.38 20.86
CA LEU B 3 9.93 -8.02 20.43
C LEU B 3 8.83 -7.68 21.44
N ALA B 4 9.22 -7.50 22.71
CA ALA B 4 8.33 -6.97 23.74
C ALA B 4 8.29 -5.44 23.64
N PRO B 5 7.06 -4.85 23.54
CA PRO B 5 6.88 -3.40 23.43
C PRO B 5 7.55 -2.60 24.56
N LEU B 6 7.82 -1.31 24.31
CA LEU B 6 8.73 -0.52 25.15
C LEU B 6 8.08 0.66 25.89
N ALA B 7 8.73 1.11 26.98
CA ALA B 7 8.21 2.20 27.81
C ALA B 7 8.31 3.58 27.13
N ASP B 8 7.38 4.48 27.49
CA ASP B 8 7.14 5.73 26.75
C ASP B 8 8.37 6.61 26.51
N GLY B 9 9.27 6.66 27.50
CA GLY B 9 10.51 7.44 27.38
C GLY B 9 11.53 6.88 26.40
N GLU B 10 11.38 5.60 26.03
CA GLU B 10 12.27 4.98 25.05
C GLU B 10 11.71 4.98 23.60
N LYS B 11 10.41 5.27 23.44
CA LYS B 11 9.76 5.21 22.11
C LYS B 11 10.12 6.41 21.23
N LEU B 12 10.60 6.13 20.02
CA LEU B 12 10.85 7.19 19.04
C LEU B 12 9.82 7.13 17.91
N TYR B 13 8.81 7.98 17.99
CA TYR B 13 7.69 7.97 17.03
C TYR B 13 8.05 8.51 15.64
N GLY B 14 7.51 7.86 14.62
CA GLY B 14 7.59 8.37 13.25
C GLY B 14 6.49 9.39 13.00
N LYS B 15 6.78 10.38 12.17
CA LYS B 15 5.80 11.41 11.78
C LYS B 15 5.08 10.99 10.50
N LYS B 16 3.77 11.15 10.48
CA LYS B 16 2.93 10.66 9.38
C LYS B 16 2.71 11.69 8.28
N GLY B 17 2.96 11.30 7.03
CA GLY B 17 2.78 12.18 5.88
C GLY B 17 1.43 11.98 5.21
N SER B 18 1.37 12.35 3.93
CA SER B 18 0.11 12.36 3.19
C SER B 18 -0.35 10.95 2.80
N GLU B 19 0.33 10.33 1.83
CA GLU B 19 -0.10 9.02 1.33
C GLU B 19 0.20 7.89 2.31
N GLY B 20 -0.08 8.10 3.60
CA GLY B 20 0.27 7.14 4.63
C GLY B 20 1.76 6.89 4.83
N THR B 21 2.58 7.89 4.51
CA THR B 21 4.02 7.80 4.73
C THR B 21 4.29 7.94 6.22
N VAL B 22 5.42 7.40 6.67
CA VAL B 22 5.89 7.56 8.06
C VAL B 22 7.40 7.82 8.05
N THR B 23 7.83 8.89 8.71
CA THR B 23 9.22 9.33 8.62
C THR B 23 9.90 9.50 9.98
N PHE B 24 11.11 8.96 10.10
CA PHE B 24 11.89 9.00 11.35
C PHE B 24 13.13 9.88 11.18
N THR B 25 13.65 10.37 12.30
CA THR B 25 14.83 11.23 12.30
C THR B 25 16.15 10.44 12.24
N LYS B 26 16.06 9.11 12.34
CA LYS B 26 17.21 8.23 12.16
C LYS B 26 16.79 6.99 11.37
N ALA B 27 17.77 6.16 11.02
CA ALA B 27 17.49 4.89 10.32
C ALA B 27 16.68 3.94 11.22
N ILE B 28 15.90 3.08 10.60
CA ILE B 28 14.92 2.28 11.33
C ILE B 28 15.54 1.14 12.13
N GLY B 29 16.48 0.43 11.52
CA GLY B 29 17.18 -0.64 12.20
C GLY B 29 16.40 -1.96 12.20
N ASP B 30 16.63 -2.77 13.22
CA ASP B 30 16.15 -4.16 13.25
C ASP B 30 14.68 -4.31 13.64
N ASN B 31 14.11 -3.31 14.29
CA ASN B 31 12.78 -3.46 14.90
C ASN B 31 11.88 -2.23 14.82
N ALA B 32 10.66 -2.46 14.36
CA ALA B 32 9.61 -1.44 14.34
C ALA B 32 8.42 -1.92 15.17
N PHE B 33 7.65 -0.98 15.70
CA PHE B 33 6.49 -1.30 16.54
C PHE B 33 5.26 -0.54 16.05
N VAL B 34 4.20 -1.28 15.73
CA VAL B 34 2.95 -0.68 15.26
C VAL B 34 1.91 -0.66 16.38
N GLU B 35 1.57 0.55 16.84
CA GLU B 35 0.62 0.80 17.93
C GLU B 35 -0.79 1.08 17.42
N ILE B 36 -1.75 0.23 17.78
CA ILE B 36 -3.11 0.31 17.23
C ILE B 36 -4.15 0.43 18.34
N LYS B 37 -5.00 1.45 18.26
CA LYS B 37 -6.20 1.51 19.08
C LYS B 37 -7.41 1.24 18.18
N THR B 38 -8.02 0.08 18.38
CA THR B 38 -9.16 -0.37 17.58
CA THR B 38 -9.17 -0.37 17.58
C THR B 38 -10.45 0.39 17.92
N GLY B 39 -11.39 0.42 16.98
CA GLY B 39 -12.64 1.21 17.11
C GLY B 39 -13.59 1.02 18.28
N ALA B 40 -14.02 -0.22 18.53
CA ALA B 40 -15.05 -0.58 19.53
C ALA B 40 -15.92 -1.69 18.98
N ASP B 41 -16.40 -1.51 17.75
CA ASP B 41 -17.12 -2.57 17.04
C ASP B 41 -16.20 -3.35 16.09
N THR B 42 -14.90 -3.09 16.14
CA THR B 42 -13.96 -3.76 15.25
C THR B 42 -13.51 -5.11 15.86
N GLY B 43 -13.65 -6.17 15.08
CA GLY B 43 -13.25 -7.52 15.48
C GLY B 43 -11.92 -7.99 14.90
N PHE B 44 -11.52 -7.43 13.75
CA PHE B 44 -10.28 -7.82 13.08
C PHE B 44 -9.72 -6.71 12.20
N MET B 45 -8.40 -6.57 12.20
CA MET B 45 -7.69 -5.64 11.32
C MET B 45 -6.38 -6.25 10.84
N ASN B 46 -5.95 -5.85 9.66
CA ASN B 46 -4.60 -6.19 9.17
C ASN B 46 -4.10 -5.17 8.14
N GLY B 47 -2.82 -5.28 7.79
CA GLY B 47 -2.16 -4.31 6.94
C GLY B 47 -0.68 -4.64 6.86
N CYS B 48 0.14 -3.63 6.57
CA CYS B 48 1.58 -3.86 6.43
C CYS B 48 2.45 -2.60 6.56
N LEU B 49 3.77 -2.81 6.54
CA LEU B 49 4.76 -1.76 6.35
C LEU B 49 5.49 -2.03 5.04
N GLY B 50 5.51 -1.03 4.16
CA GLY B 50 5.98 -1.23 2.78
C GLY B 50 7.24 -0.48 2.45
N PHE B 51 8.08 -1.09 1.60
CA PHE B 51 9.34 -0.48 1.17
C PHE B 51 9.67 -0.83 -0.28
N SER B 52 10.33 0.08 -0.98
CA SER B 52 10.88 -0.23 -2.30
C SER B 52 12.38 0.05 -2.32
N GLU B 53 13.12 -0.86 -2.97
CA GLU B 53 14.56 -0.72 -3.14
C GLU B 53 14.94 -1.06 -4.58
N SER B 54 16.13 -0.62 -4.99
CA SER B 54 16.65 -0.94 -6.33
C SER B 54 18.04 -1.55 -6.24
N ILE B 55 18.27 -2.60 -7.01
CA ILE B 55 19.56 -3.29 -7.04
C ILE B 55 20.00 -3.50 -8.50
N ASP B 56 21.04 -2.77 -8.89
CA ASP B 56 21.52 -2.69 -10.28
C ASP B 56 20.44 -2.93 -11.35
N GLY B 57 19.65 -1.88 -11.60
CA GLY B 57 18.65 -1.91 -12.65
C GLY B 57 17.29 -2.47 -12.26
N LYS B 58 17.27 -3.37 -11.26
CA LYS B 58 16.04 -4.07 -10.88
C LYS B 58 15.36 -3.43 -9.66
N ASN B 59 14.04 -3.24 -9.75
CA ASN B 59 13.24 -2.60 -8.71
C ASN B 59 12.32 -3.59 -8.02
N TYR B 60 12.27 -3.51 -6.69
CA TYR B 60 11.55 -4.48 -5.87
C TYR B 60 10.58 -3.77 -4.94
N TRP B 61 9.53 -4.48 -4.53
CA TRP B 61 8.60 -3.99 -3.51
C TRP B 61 8.49 -5.05 -2.43
N VAL B 62 8.52 -4.60 -1.17
CA VAL B 62 8.66 -5.49 -0.01
C VAL B 62 7.69 -5.12 1.13
N ALA B 63 6.91 -6.10 1.59
CA ALA B 63 5.89 -5.88 2.63
C ALA B 63 6.11 -6.76 3.86
N TYR B 64 5.98 -6.16 5.04
CA TYR B 64 5.95 -6.87 6.31
C TYR B 64 4.52 -6.77 6.84
N VAL B 65 3.87 -7.91 7.05
CA VAL B 65 2.43 -7.95 7.37
C VAL B 65 2.15 -8.04 8.89
N TRP B 66 1.09 -7.37 9.34
CA TRP B 66 0.62 -7.40 10.73
C TRP B 66 -0.90 -7.61 10.80
N GLN B 67 -1.38 -8.03 11.96
CA GLN B 67 -2.82 -8.26 12.19
C GLN B 67 -3.13 -8.18 13.68
N THR B 68 -4.40 -8.03 14.02
CA THR B 68 -4.80 -7.89 15.41
C THR B 68 -6.34 -7.96 15.56
N LYS B 69 -6.81 -8.32 16.75
CA LYS B 69 -8.24 -8.32 17.10
C LYS B 69 -8.61 -7.40 18.27
N LYS B 70 -7.61 -6.75 18.88
CA LYS B 70 -7.80 -5.81 20.00
C LYS B 70 -6.79 -4.67 19.90
N SER B 71 -6.95 -3.65 20.74
CA SER B 71 -5.93 -2.61 20.83
C SER B 71 -4.61 -3.19 21.36
N ASP B 72 -3.51 -2.94 20.66
CA ASP B 72 -2.23 -3.61 20.95
C ASP B 72 -1.06 -2.92 20.25
N THR B 73 0.16 -3.33 20.61
CA THR B 73 1.38 -2.95 19.89
C THR B 73 1.98 -4.20 19.26
N ILE B 74 2.14 -4.19 17.94
CA ILE B 74 2.74 -5.31 17.20
C ILE B 74 4.20 -4.99 16.92
N SER B 75 5.10 -5.88 17.32
CA SER B 75 6.52 -5.73 17.06
C SER B 75 6.87 -6.44 15.76
N ILE B 76 7.61 -5.75 14.89
CA ILE B 76 7.89 -6.26 13.54
C ILE B 76 9.39 -6.39 13.31
N ASP B 77 9.81 -7.61 12.98
CA ASP B 77 11.21 -7.93 12.74
C ASP B 77 11.60 -7.55 11.31
N MET B 78 12.46 -6.54 11.18
CA MET B 78 12.83 -6.00 9.86
C MET B 78 13.67 -6.97 9.00
N SER B 79 14.10 -8.07 9.60
CA SER B 79 14.82 -9.11 8.88
C SER B 79 13.89 -10.14 8.25
N SER B 80 12.60 -10.08 8.58
CA SER B 80 11.66 -11.14 8.23
C SER B 80 10.46 -10.62 7.43
N PRO B 81 10.71 -10.09 6.20
CA PRO B 81 9.60 -9.66 5.33
C PRO B 81 8.85 -10.87 4.78
N VAL B 82 7.58 -10.71 4.44
CA VAL B 82 6.74 -11.86 4.03
C VAL B 82 6.28 -11.83 2.56
N GLN B 83 6.39 -10.67 1.91
CA GLN B 83 6.02 -10.56 0.50
C GLN B 83 7.07 -9.71 -0.22
N ILE B 84 7.70 -10.30 -1.23
CA ILE B 84 8.74 -9.63 -2.01
C ILE B 84 8.47 -9.89 -3.50
N ALA B 85 8.54 -8.83 -4.30
CA ALA B 85 8.27 -8.94 -5.73
C ALA B 85 9.10 -7.95 -6.53
N GLU B 86 9.61 -8.41 -7.68
CA GLU B 86 10.31 -7.53 -8.60
C GLU B 86 9.28 -6.91 -9.54
N ILE B 87 9.37 -5.61 -9.72
CA ILE B 87 8.40 -4.85 -10.50
C ILE B 87 8.98 -4.65 -11.90
N ILE B 88 8.49 -5.45 -12.84
CA ILE B 88 8.94 -5.43 -14.22
C ILE B 88 7.82 -4.84 -15.07
N GLY B 89 8.01 -3.59 -15.52
CA GLY B 89 6.95 -2.85 -16.20
C GLY B 89 5.76 -2.72 -15.27
N THR B 90 4.57 -3.03 -15.78
CA THR B 90 3.35 -3.04 -14.98
C THR B 90 2.97 -4.46 -14.52
N GLU B 91 3.97 -5.31 -14.35
CA GLU B 91 3.75 -6.68 -13.88
C GLU B 91 4.69 -7.03 -12.75
N THR B 92 4.37 -8.10 -12.02
CA THR B 92 5.14 -8.49 -10.86
C THR B 92 5.65 -9.93 -10.96
N GLN B 93 6.70 -10.21 -10.21
CA GLN B 93 7.33 -11.53 -10.14
C GLN B 93 7.80 -11.78 -8.70
N GLU B 94 7.41 -12.92 -8.11
CA GLU B 94 7.84 -13.31 -6.75
C GLU B 94 9.35 -13.51 -6.64
N VAL B 95 9.89 -13.21 -5.46
CA VAL B 95 11.30 -13.40 -5.18
C VAL B 95 11.45 -14.34 -3.99
N THR B 96 12.05 -15.50 -4.25
CA THR B 96 12.35 -16.48 -3.22
C THR B 96 13.86 -16.64 -3.00
N ASP B 97 14.67 -15.93 -3.78
CA ASP B 97 16.12 -16.04 -3.69
C ASP B 97 16.63 -15.44 -2.38
N ALA B 98 17.13 -16.31 -1.50
CA ALA B 98 17.54 -15.90 -0.15
C ALA B 98 18.67 -14.85 -0.14
N ASP B 99 19.53 -14.90 -1.14
CA ASP B 99 20.62 -13.92 -1.29
C ASP B 99 20.10 -12.54 -1.70
N THR B 100 19.11 -12.50 -2.59
CA THR B 100 18.49 -11.25 -3.02
C THR B 100 17.67 -10.64 -1.88
N ILE B 101 16.97 -11.50 -1.16
CA ILE B 101 16.14 -11.08 -0.02
C ILE B 101 16.99 -10.44 1.08
N LYS B 102 18.14 -11.03 1.42
CA LYS B 102 19.03 -10.47 2.43
C LYS B 102 19.55 -9.10 2.02
N LYS B 103 19.97 -8.97 0.77
CA LYS B 103 20.46 -7.69 0.25
C LYS B 103 19.43 -6.60 0.43
N LEU B 104 18.17 -6.93 0.18
CA LEU B 104 17.07 -5.98 0.35
C LEU B 104 16.82 -5.60 1.81
N THR B 105 16.91 -6.56 2.73
CA THR B 105 16.69 -6.27 4.15
C THR B 105 17.76 -5.34 4.71
N ASP B 106 18.99 -5.54 4.28
CA ASP B 106 20.10 -4.67 4.69
C ASP B 106 19.85 -3.23 4.27
N LYS B 107 19.41 -3.03 3.04
CA LYS B 107 19.13 -1.70 2.54
C LYS B 107 17.92 -1.08 3.26
N ILE B 108 16.91 -1.90 3.50
CA ILE B 108 15.71 -1.46 4.24
C ILE B 108 16.06 -1.01 5.66
N LYS B 109 17.01 -1.68 6.30
CA LYS B 109 17.39 -1.32 7.67
C LYS B 109 18.04 0.07 7.78
N THR B 110 18.54 0.59 6.66
CA THR B 110 19.14 1.94 6.62
C THR B 110 18.14 3.03 6.24
N GLU B 111 16.89 2.65 5.96
CA GLU B 111 15.87 3.63 5.54
C GLU B 111 15.36 4.44 6.72
N LYS B 112 14.91 5.67 6.42
CA LYS B 112 14.32 6.56 7.42
C LYS B 112 12.81 6.71 7.30
N SER B 113 12.23 6.28 6.17
CA SER B 113 10.78 6.30 6.01
C SER B 113 10.22 4.97 5.57
N ALA B 114 8.92 4.80 5.78
CA ALA B 114 8.22 3.58 5.43
C ALA B 114 6.78 3.91 5.00
N LEU B 115 6.06 2.90 4.54
CA LEU B 115 4.68 3.08 4.13
C LEU B 115 3.79 2.25 5.04
N LEU B 116 2.79 2.89 5.64
CA LEU B 116 1.84 2.21 6.53
C LEU B 116 0.49 2.07 5.84
N GLN B 117 0.00 0.84 5.73
CA GLN B 117 -1.27 0.55 5.05
C GLN B 117 -2.15 -0.36 5.89
N VAL B 118 -3.42 0.01 6.03
CA VAL B 118 -4.46 -0.89 6.52
C VAL B 118 -5.12 -1.51 5.29
N TRP B 119 -5.22 -2.83 5.28
CA TRP B 119 -5.80 -3.53 4.15
C TRP B 119 -7.25 -3.91 4.38
N TYR B 120 -7.48 -4.76 5.37
CA TYR B 120 -8.79 -5.34 5.60
C TYR B 120 -9.19 -5.22 7.08
N ALA B 121 -10.47 -4.98 7.30
CA ALA B 121 -11.03 -4.92 8.65
C ALA B 121 -12.45 -5.43 8.62
N SER B 122 -12.92 -5.91 9.77
CA SER B 122 -14.28 -6.43 9.90
C SER B 122 -14.80 -6.20 11.31
N ASP B 123 -16.12 -6.11 11.46
CA ASP B 123 -16.73 -5.85 12.76
C ASP B 123 -16.92 -7.15 13.55
N LYS B 124 -17.52 -7.06 14.73
CA LYS B 124 -17.71 -8.21 15.62
C LYS B 124 -18.59 -9.33 15.03
N THR B 125 -19.52 -8.96 14.15
CA THR B 125 -20.36 -9.94 13.44
C THR B 125 -19.66 -10.53 12.22
N GLY B 126 -18.42 -10.10 11.97
CA GLY B 126 -17.63 -10.61 10.85
C GLY B 126 -17.88 -9.90 9.54
N LYS B 127 -18.66 -8.81 9.58
CA LYS B 127 -19.01 -8.06 8.37
C LYS B 127 -17.95 -6.97 8.09
N GLN B 128 -17.47 -6.92 6.85
CA GLN B 128 -16.37 -6.04 6.46
C GLN B 128 -16.64 -4.57 6.76
N ILE B 129 -15.58 -3.85 7.13
CA ILE B 129 -15.64 -2.40 7.33
C ILE B 129 -14.90 -1.72 6.18
N ASP B 130 -15.66 -0.98 5.37
CA ASP B 130 -15.12 -0.28 4.20
C ASP B 130 -15.31 1.23 4.40
N PRO B 131 -14.24 2.04 4.33
CA PRO B 131 -12.86 1.57 4.14
C PRO B 131 -12.24 1.08 5.44
N ALA B 132 -11.29 0.15 5.31
CA ALA B 132 -10.65 -0.53 6.46
C ALA B 132 -10.12 0.46 7.48
N ASP B 133 -9.38 1.44 6.97
CA ASP B 133 -8.84 2.55 7.75
C ASP B 133 -9.75 3.02 8.90
N SER B 134 -11.05 3.11 8.62
CA SER B 134 -12.04 3.59 9.59
C SER B 134 -12.28 2.68 10.80
N ALA B 135 -11.68 1.49 10.81
CA ALA B 135 -11.85 0.55 11.93
C ALA B 135 -11.02 0.91 13.17
N SER B 136 -10.05 1.80 13.02
CA SER B 136 -9.15 2.16 14.11
C SER B 136 -9.36 3.60 14.53
N GLU B 137 -9.11 3.88 15.80
CA GLU B 137 -9.12 5.26 16.29
C GLU B 137 -7.78 5.93 16.07
N SER B 138 -6.71 5.15 16.06
CA SER B 138 -5.37 5.70 15.83
C SER B 138 -4.39 4.59 15.53
N ILE B 139 -3.39 4.91 14.72
CA ILE B 139 -2.29 4.01 14.44
C ILE B 139 -1.01 4.82 14.36
N GLU B 140 0.00 4.40 15.13
CA GLU B 140 1.32 5.01 15.08
C GLU B 140 2.37 3.92 14.91
N VAL B 141 3.57 4.35 14.51
CA VAL B 141 4.73 3.48 14.43
C VAL B 141 5.88 4.12 15.21
N TYR B 142 6.62 3.29 15.96
CA TYR B 142 7.83 3.78 16.63
C TYR B 142 8.99 2.78 16.55
N ILE B 143 10.18 3.31 16.79
CA ILE B 143 11.38 2.50 16.92
C ILE B 143 12.05 2.84 18.26
N PRO B 144 12.96 1.98 18.74
CA PRO B 144 13.61 2.27 20.01
C PRO B 144 14.58 3.46 19.93
N SER B 145 14.72 4.07 21.12
CA SER B 145 15.62 5.14 21.45
C SER B 145 17.03 4.65 21.42
N ALA B 146 17.98 5.56 21.44
CA ALA B 146 19.37 5.18 21.49
C ALA B 146 19.66 4.46 22.80
N SER B 147 19.25 5.06 23.91
CA SER B 147 19.35 4.41 25.21
C SER B 147 18.87 2.98 25.11
N ALA B 148 17.56 2.81 25.18
CA ALA B 148 16.92 1.50 25.07
C ALA B 148 17.61 0.57 24.08
N ASP B 149 18.35 1.15 23.16
CA ASP B 149 19.03 0.38 22.14
C ASP B 149 20.28 -0.27 22.70
N GLU B 150 20.85 0.35 23.72
CA GLU B 150 22.11 -0.13 24.29
C GLU B 150 21.98 -1.36 25.17
N ALA B 151 20.77 -1.87 25.30
CA ALA B 151 20.52 -3.07 26.09
C ALA B 151 20.02 -4.22 25.23
#